data_6KDH
#
_entry.id   6KDH
#
_cell.length_a   101.789
_cell.length_b   150.485
_cell.length_c   65.151
_cell.angle_alpha   90.000
_cell.angle_beta   90.000
_cell.angle_gamma   90.000
#
_symmetry.space_group_name_H-M   'C 2 2 2'
#
loop_
_entity.id
_entity.type
_entity.pdbx_description
1 polymer 'Anti-(6-4) photoproduct antibody 64M-5 Fab (light chain)'
2 polymer 'Anti-(6-4) photoproduct antibody 64M-5 Fab (heavy chain)'
3 water water
#
loop_
_entity_poly.entity_id
_entity_poly.type
_entity_poly.pdbx_seq_one_letter_code
_entity_poly.pdbx_strand_id
1 'polypeptide(L)'
;DVLMTQTPLSLPVSLGDQASISCRSSQNIVHS(IAS)GYTYLEWYLQKPGQSPKLLIYTVSNRFSGVPDRFSGSGSGTDF
TLKISRVEAEDLGVYYCFRGSHVPTFGGGTKLEIKRADAAPTVSIFPPSSEQLTSGGASVVCFLNNFYPKDINVKWKIDG
SERQNGVLNSWTDQDSKDSTYSMSSTLTLTKDEYERHNSYTCEATHKTSTSPIVKSFNRNEC
;
L
2 'polypeptide(L)'
;EVQLQQSGTVLARPGASVKMSCKASGYTFTNYWMHWIKQRPGQGLEWIGTIYPGNSDTTYSQKFKGKAKLTAVTSTSTAY
MELSSLTNEDSAVYYCSRRNYGSSYAMDYWGQGTSVTVSSAKTTPPSVYPLAPGSAAQTNSMVTLGCLVKGYFPEPVTVT
WNSGSLSSGVHTFPAVLQSDLYTLSSSVTVPSSTWPSETVTCNVAHPASSTKVDKKIVPRD
;
H
#
loop_
_chem_comp.id
_chem_comp.type
_chem_comp.name
_chem_comp.formula
IAS L-beta-peptide, C-gamma linking 'BETA-L-ASPARTIC ACID' 'C4 H7 N O4'
#
# COMPACT_ATOMS: atom_id res chain seq x y z
N ASP A 1 -18.51 -10.25 16.84
CA ASP A 1 -18.76 -11.41 15.93
C ASP A 1 -17.48 -12.25 15.86
N VAL A 2 -17.56 -13.40 15.20
CA VAL A 2 -16.41 -14.28 15.07
C VAL A 2 -15.37 -13.70 14.11
N LEU A 3 -14.57 -12.78 14.64
CA LEU A 3 -13.52 -12.12 13.89
C LEU A 3 -12.20 -12.87 14.09
N MET A 4 -11.18 -12.46 13.34
CA MET A 4 -9.85 -13.05 13.46
C MET A 4 -8.99 -11.86 13.82
N THR A 5 -8.54 -11.81 15.07
CA THR A 5 -7.71 -10.70 15.50
C THR A 5 -6.25 -11.15 15.40
N GLN A 6 -5.49 -10.46 14.57
CA GLN A 6 -4.09 -10.79 14.36
C GLN A 6 -3.19 -9.74 14.99
N THR A 7 -2.20 -10.19 15.74
CA THR A 7 -1.27 -9.26 16.37
C THR A 7 0.13 -9.83 16.33
N PRO A 8 1.15 -8.96 16.20
CA PRO A 8 0.96 -7.51 16.10
C PRO A 8 0.72 -7.12 14.64
N LEU A 9 0.42 -5.83 14.41
CA LEU A 9 0.19 -5.35 13.06
C LEU A 9 1.52 -5.19 12.35
N SER A 10 2.53 -4.80 13.12
CA SER A 10 3.88 -4.62 12.60
C SER A 10 4.87 -5.38 13.47
N LEU A 11 5.66 -6.24 12.85
CA LEU A 11 6.63 -7.03 13.59
C LEU A 11 8.05 -6.86 13.07
N PRO A 12 8.79 -5.90 13.63
CA PRO A 12 10.15 -5.69 13.17
C PRO A 12 11.12 -6.69 13.83
N VAL A 13 12.04 -7.25 13.06
CA VAL A 13 13.03 -8.19 13.59
C VAL A 13 14.35 -8.03 12.88
N SER A 14 15.38 -8.63 13.46
CA SER A 14 16.70 -8.60 12.83
C SER A 14 16.77 -9.91 12.05
N LEU A 15 17.37 -9.86 10.86
CA LEU A 15 17.48 -11.10 10.07
C LEU A 15 18.25 -12.13 10.90
N GLY A 16 17.74 -13.35 10.94
CA GLY A 16 18.38 -14.38 11.72
C GLY A 16 17.61 -14.64 13.00
N ASP A 17 16.86 -13.63 13.45
CA ASP A 17 16.06 -13.75 14.66
C ASP A 17 14.84 -14.61 14.35
N GLN A 18 14.06 -14.90 15.39
CA GLN A 18 12.85 -15.68 15.26
C GLN A 18 11.67 -14.73 15.28
N ALA A 19 10.61 -15.08 14.56
CA ALA A 19 9.41 -14.25 14.52
C ALA A 19 8.22 -15.10 14.90
N SER A 20 7.33 -14.51 15.70
CA SER A 20 6.12 -15.20 16.12
C SER A 20 4.95 -14.30 15.85
N ILE A 21 4.01 -14.78 15.03
CA ILE A 21 2.82 -14.01 14.70
C ILE A 21 1.61 -14.71 15.30
N SER A 22 0.78 -13.96 16.02
CA SER A 22 -0.39 -14.55 16.66
C SER A 22 -1.74 -14.23 16.02
N CYS A 23 -2.66 -15.16 16.22
CA CYS A 23 -3.98 -15.04 15.66
C CYS A 23 -4.97 -15.64 16.65
N ARG A 24 -5.96 -14.84 17.04
CA ARG A 24 -6.99 -15.28 17.98
C ARG A 24 -8.38 -15.16 17.37
N SER A 25 -9.15 -16.24 17.47
CA SER A 25 -10.51 -16.28 16.96
C SER A 25 -11.48 -15.99 18.10
N SER A 26 -12.45 -15.10 17.87
CA SER A 26 -13.43 -14.73 18.89
C SER A 26 -14.29 -15.91 19.36
N GLN A 27 -14.24 -17.01 18.62
CA GLN A 27 -14.98 -18.22 18.98
C GLN A 27 -14.04 -19.39 18.71
N ASN A 28 -14.32 -20.54 19.33
CA ASN A 28 -13.47 -21.70 19.09
C ASN A 28 -13.68 -22.13 17.66
N ILE A 29 -12.59 -22.21 16.89
CA ILE A 29 -12.69 -22.64 15.51
C ILE A 29 -13.13 -24.10 15.57
N VAL A 30 -14.24 -24.40 14.90
CA VAL A 30 -14.78 -25.75 14.88
C VAL A 30 -13.81 -26.74 14.28
N HIS A 31 -14.24 -28.00 14.18
CA HIS A 31 -13.41 -29.05 13.61
C HIS A 31 -13.97 -29.50 12.28
N SER A 32 -13.17 -29.37 11.23
CA SER A 32 -13.58 -29.82 9.91
C SER A 32 -12.97 -31.20 9.78
N IAS A 33 -13.81 -32.22 9.69
CA IAS A 33 -13.33 -33.63 9.59
C IAS A 33 -14.04 -34.40 8.45
O IAS A 33 -14.18 -33.83 7.34
CB IAS A 33 -13.58 -34.29 10.95
CG IAS A 33 -12.65 -33.74 12.04
OD1 IAS A 33 -13.06 -32.89 12.84
OXT IAS A 33 -14.46 -35.58 8.68
N GLY A 34 -11.40 -34.23 12.01
CA GLY A 34 -10.41 -33.81 12.99
C GLY A 34 -9.53 -32.63 12.66
N TYR A 35 -9.55 -32.19 11.40
CA TYR A 35 -8.71 -31.06 11.02
C TYR A 35 -9.26 -29.72 11.51
N THR A 36 -8.37 -28.79 11.78
CA THR A 36 -8.79 -27.46 12.18
C THR A 36 -8.34 -26.55 11.04
N TYR A 37 -9.30 -26.02 10.30
CA TYR A 37 -8.99 -25.18 9.16
C TYR A 37 -8.51 -23.77 9.48
N LEU A 38 -7.21 -23.65 9.76
CA LEU A 38 -6.59 -22.36 10.01
C LEU A 38 -5.29 -22.33 9.23
N GLU A 39 -5.24 -21.47 8.23
CA GLU A 39 -4.07 -21.36 7.39
C GLU A 39 -3.29 -20.07 7.55
N TRP A 40 -2.02 -20.12 7.14
CA TRP A 40 -1.15 -18.97 7.17
C TRP A 40 -0.70 -18.63 5.74
N TYR A 41 -0.95 -17.40 5.30
CA TYR A 41 -0.53 -16.98 3.96
C TYR A 41 0.45 -15.82 4.04
N LEU A 42 1.35 -15.79 3.06
CA LEU A 42 2.35 -14.72 2.95
C LEU A 42 2.18 -13.98 1.63
N GLN A 43 2.24 -12.66 1.69
CA GLN A 43 2.12 -11.86 0.48
C GLN A 43 3.26 -10.87 0.40
N LYS A 44 4.12 -11.04 -0.60
CA LYS A 44 5.26 -10.16 -0.78
C LYS A 44 4.83 -9.03 -1.72
N PRO A 45 5.49 -7.86 -1.64
CA PRO A 45 5.16 -6.72 -2.50
C PRO A 45 4.91 -7.08 -3.95
N GLY A 46 3.84 -6.52 -4.52
CA GLY A 46 3.49 -6.77 -5.90
C GLY A 46 3.14 -8.20 -6.29
N GLN A 47 2.95 -9.06 -5.29
CA GLN A 47 2.62 -10.47 -5.57
C GLN A 47 1.25 -10.91 -5.05
N SER A 48 0.87 -12.11 -5.42
CA SER A 48 -0.38 -12.69 -4.94
C SER A 48 -0.06 -13.38 -3.63
N PRO A 49 -1.04 -13.49 -2.72
CA PRO A 49 -0.78 -14.17 -1.45
C PRO A 49 -0.38 -15.60 -1.79
N LYS A 50 0.40 -16.24 -0.93
CA LYS A 50 0.76 -17.63 -1.17
C LYS A 50 0.67 -18.48 0.09
N LEU A 51 0.28 -19.74 -0.09
CA LEU A 51 0.11 -20.66 1.02
C LEU A 51 1.40 -21.01 1.74
N LEU A 52 1.33 -20.96 3.06
CA LEU A 52 2.47 -21.29 3.90
C LEU A 52 2.17 -22.52 4.72
N ILE A 53 1.15 -22.40 5.56
CA ILE A 53 0.76 -23.49 6.46
C ILE A 53 -0.75 -23.68 6.46
N TYR A 54 -1.20 -24.94 6.47
CA TYR A 54 -2.62 -25.26 6.53
C TYR A 54 -2.89 -26.20 7.73
N THR A 55 -4.16 -26.43 8.02
CA THR A 55 -4.59 -27.25 9.17
C THR A 55 -3.68 -27.03 10.39
N VAL A 56 -3.54 -25.75 10.75
CA VAL A 56 -2.76 -25.31 11.91
C VAL A 56 -1.24 -25.52 11.90
N SER A 57 -0.77 -26.70 11.48
CA SER A 57 0.67 -26.96 11.51
C SER A 57 1.26 -27.71 10.34
N ASN A 58 0.48 -27.96 9.30
CA ASN A 58 1.03 -28.66 8.16
C ASN A 58 1.65 -27.71 7.15
N ARG A 59 2.92 -27.95 6.88
CA ARG A 59 3.68 -27.14 5.95
C ARG A 59 3.41 -27.50 4.50
N PHE A 60 2.91 -26.53 3.75
CA PHE A 60 2.62 -26.71 2.33
C PHE A 60 3.90 -27.06 1.56
N SER A 61 3.75 -27.90 0.54
CA SER A 61 4.87 -28.31 -0.29
C SER A 61 5.67 -27.11 -0.74
N GLY A 62 7.00 -27.24 -0.72
CA GLY A 62 7.85 -26.14 -1.13
C GLY A 62 8.18 -25.15 -0.03
N VAL A 63 7.48 -25.25 1.11
CA VAL A 63 7.74 -24.33 2.21
C VAL A 63 8.83 -24.87 3.13
N PRO A 64 9.86 -24.05 3.39
CA PRO A 64 11.01 -24.37 4.25
C PRO A 64 10.59 -24.78 5.66
N ASP A 65 11.36 -25.68 6.27
CA ASP A 65 11.01 -26.13 7.62
C ASP A 65 11.16 -25.02 8.66
N ARG A 66 11.56 -23.82 8.22
CA ARG A 66 11.71 -22.68 9.12
C ARG A 66 10.34 -22.20 9.57
N PHE A 67 9.35 -22.47 8.75
CA PHE A 67 8.00 -22.08 9.06
C PHE A 67 7.30 -23.22 9.73
N SER A 68 6.60 -22.93 10.81
CA SER A 68 5.85 -23.95 11.52
C SER A 68 4.73 -23.23 12.24
N GLY A 69 3.63 -23.92 12.47
CA GLY A 69 2.52 -23.28 13.13
C GLY A 69 1.99 -24.22 14.19
N SER A 70 1.17 -23.69 15.08
CA SER A 70 0.59 -24.49 16.16
C SER A 70 -0.59 -23.73 16.74
N GLY A 71 -1.07 -24.20 17.89
CA GLY A 71 -2.20 -23.54 18.54
C GLY A 71 -3.43 -24.40 18.53
N SER A 72 -4.45 -23.96 19.25
CA SER A 72 -5.71 -24.70 19.35
C SER A 72 -6.80 -23.84 19.96
N GLY A 73 -8.04 -24.16 19.62
CA GLY A 73 -9.15 -23.40 20.17
C GLY A 73 -9.30 -22.02 19.58
N THR A 74 -8.73 -21.02 20.24
CA THR A 74 -8.85 -19.66 19.75
C THR A 74 -7.52 -19.02 19.45
N ASP A 75 -6.45 -19.62 19.97
CA ASP A 75 -5.10 -19.10 19.82
C ASP A 75 -4.22 -19.93 18.88
N PHE A 76 -3.68 -19.27 17.86
CA PHE A 76 -2.83 -19.95 16.88
C PHE A 76 -1.59 -19.11 16.66
N THR A 77 -0.49 -19.77 16.30
CA THR A 77 0.76 -19.04 16.09
C THR A 77 1.61 -19.51 14.93
N LEU A 78 2.17 -18.55 14.22
CA LEU A 78 3.07 -18.85 13.11
C LEU A 78 4.45 -18.50 13.62
N LYS A 79 5.34 -19.49 13.64
CA LYS A 79 6.71 -19.24 14.10
C LYS A 79 7.69 -19.33 12.94
N ILE A 80 8.53 -18.31 12.79
CA ILE A 80 9.53 -18.31 11.72
C ILE A 80 10.94 -18.21 12.28
N SER A 81 11.68 -19.31 12.22
CA SER A 81 13.06 -19.33 12.70
C SER A 81 13.99 -18.70 11.66
N ARG A 82 15.13 -18.17 12.12
CA ARG A 82 16.09 -17.57 11.20
C ARG A 82 15.42 -16.77 10.09
N VAL A 83 14.63 -15.78 10.46
CA VAL A 83 13.97 -14.95 9.46
C VAL A 83 15.01 -14.51 8.44
N GLU A 84 14.69 -14.63 7.16
CA GLU A 84 15.65 -14.16 6.16
C GLU A 84 15.04 -13.12 5.25
N ALA A 85 15.91 -12.42 4.54
CA ALA A 85 15.50 -11.37 3.62
C ALA A 85 14.25 -11.68 2.80
N GLU A 86 14.21 -12.85 2.18
CA GLU A 86 13.05 -13.18 1.36
C GLU A 86 11.75 -13.44 2.12
N ASP A 87 11.81 -13.48 3.45
CA ASP A 87 10.60 -13.73 4.26
C ASP A 87 9.85 -12.44 4.59
N LEU A 88 10.42 -11.29 4.23
CA LEU A 88 9.78 -10.03 4.51
C LEU A 88 8.53 -9.87 3.66
N GLY A 89 7.47 -9.37 4.28
CA GLY A 89 6.20 -9.19 3.61
C GLY A 89 5.08 -9.15 4.64
N VAL A 90 3.85 -9.43 4.20
CA VAL A 90 2.73 -9.40 5.11
C VAL A 90 2.11 -10.80 5.29
N TYR A 91 1.99 -11.23 6.55
CA TYR A 91 1.39 -12.54 6.85
C TYR A 91 -0.08 -12.42 7.23
N TYR A 92 -0.87 -13.41 6.82
CA TYR A 92 -2.30 -13.41 7.12
C TYR A 92 -2.78 -14.77 7.59
N CYS A 93 -3.44 -14.82 8.74
CA CYS A 93 -3.98 -16.08 9.18
C CYS A 93 -5.35 -16.15 8.53
N PHE A 94 -5.90 -17.34 8.41
CA PHE A 94 -7.18 -17.47 7.76
C PHE A 94 -8.00 -18.58 8.38
N ARG A 95 -9.26 -18.29 8.67
CA ARG A 95 -10.16 -19.31 9.21
C ARG A 95 -10.89 -19.80 7.98
N GLY A 96 -10.63 -21.05 7.58
CA GLY A 96 -11.27 -21.58 6.41
C GLY A 96 -12.60 -22.26 6.63
N SER A 97 -13.04 -22.36 7.88
CA SER A 97 -14.30 -23.04 8.17
C SER A 97 -15.41 -22.06 8.50
N HIS A 98 -16.62 -22.60 8.60
CA HIS A 98 -17.83 -21.83 8.88
C HIS A 98 -17.83 -20.53 8.07
N VAL A 99 -17.45 -19.42 8.70
CA VAL A 99 -17.40 -18.14 7.99
C VAL A 99 -15.95 -17.82 7.68
N PRO A 100 -15.51 -18.11 6.45
CA PRO A 100 -14.12 -17.83 6.08
C PRO A 100 -13.78 -16.37 6.38
N THR A 101 -12.71 -16.15 7.12
CA THR A 101 -12.30 -14.80 7.49
C THR A 101 -10.79 -14.72 7.57
N PHE A 102 -10.25 -13.59 7.12
CA PHE A 102 -8.83 -13.34 7.15
C PHE A 102 -8.50 -12.58 8.41
N GLY A 103 -7.24 -12.63 8.83
CA GLY A 103 -6.83 -11.88 9.99
C GLY A 103 -6.43 -10.53 9.43
N GLY A 104 -6.20 -9.56 10.29
CA GLY A 104 -5.83 -8.23 9.84
C GLY A 104 -4.50 -8.15 9.14
N GLY A 105 -3.62 -9.11 9.40
CA GLY A 105 -2.32 -9.10 8.75
C GLY A 105 -1.20 -8.63 9.67
N THR A 106 0.02 -9.06 9.36
CA THR A 106 1.20 -8.69 10.13
C THR A 106 2.35 -8.46 9.16
N LYS A 107 2.94 -7.27 9.22
CA LYS A 107 4.04 -6.95 8.33
C LYS A 107 5.37 -7.29 9.00
N LEU A 108 6.10 -8.22 8.42
CA LEU A 108 7.39 -8.61 8.99
C LEU A 108 8.38 -7.59 8.45
N GLU A 109 8.94 -6.77 9.33
CA GLU A 109 9.87 -5.73 8.91
C GLU A 109 11.24 -5.83 9.55
N ILE A 110 12.18 -5.03 9.06
CA ILE A 110 13.54 -5.03 9.58
C ILE A 110 13.68 -4.09 10.79
N LYS A 111 14.45 -4.52 11.79
CA LYS A 111 14.68 -3.69 12.96
C LYS A 111 16.06 -3.06 12.84
N ARG A 112 16.19 -1.84 13.32
CA ARG A 112 17.46 -1.14 13.30
C ARG A 112 17.49 -0.11 14.43
N ALA A 113 18.58 0.65 14.51
CA ALA A 113 18.71 1.66 15.55
C ALA A 113 17.73 2.79 15.29
N ASP A 114 17.24 3.41 16.36
CA ASP A 114 16.31 4.51 16.21
C ASP A 114 17.03 5.59 15.43
N ALA A 115 16.26 6.43 14.75
CA ALA A 115 16.81 7.51 13.97
C ALA A 115 15.77 8.63 13.88
N ALA A 116 16.20 9.86 14.15
CA ALA A 116 15.31 11.02 14.09
C ALA A 116 15.17 11.43 12.63
N PRO A 117 13.98 11.85 12.24
CA PRO A 117 13.66 12.29 10.87
C PRO A 117 14.36 13.59 10.48
N THR A 118 14.72 13.72 9.21
CA THR A 118 15.32 14.96 8.74
C THR A 118 14.10 15.63 8.16
N VAL A 119 13.76 16.81 8.67
CA VAL A 119 12.57 17.51 8.22
C VAL A 119 12.89 18.69 7.30
N SER A 120 12.25 18.71 6.15
CA SER A 120 12.45 19.77 5.16
C SER A 120 11.11 20.34 4.72
N ILE A 121 10.92 21.65 4.95
CA ILE A 121 9.68 22.32 4.58
C ILE A 121 9.87 23.24 3.37
N PHE A 122 8.93 23.18 2.43
CA PHE A 122 9.02 24.01 1.24
C PHE A 122 7.74 24.81 1.01
N PRO A 123 7.88 26.12 0.74
CA PRO A 123 6.73 26.99 0.48
C PRO A 123 6.25 26.71 -0.94
N PRO A 124 5.08 27.24 -1.33
CA PRO A 124 4.59 26.99 -2.69
C PRO A 124 5.58 27.57 -3.69
N SER A 125 5.72 26.93 -4.84
CA SER A 125 6.63 27.44 -5.86
C SER A 125 5.94 28.61 -6.56
N SER A 126 6.73 29.52 -7.13
CA SER A 126 6.13 30.65 -7.83
C SER A 126 5.34 30.14 -9.04
N GLU A 127 5.70 28.98 -9.59
CA GLU A 127 4.95 28.43 -10.72
C GLU A 127 3.53 28.05 -10.33
N GLN A 128 3.37 27.41 -9.17
CA GLN A 128 2.06 27.02 -8.72
C GLN A 128 1.24 28.28 -8.40
N LEU A 129 1.89 29.27 -7.82
CA LEU A 129 1.23 30.53 -7.50
C LEU A 129 0.74 31.19 -8.80
N THR A 130 1.59 31.17 -9.83
CA THR A 130 1.26 31.74 -11.14
C THR A 130 -0.09 31.20 -11.62
N SER A 131 -0.41 29.97 -11.21
CA SER A 131 -1.66 29.34 -11.62
C SER A 131 -2.75 29.41 -10.56
N GLY A 132 -2.45 30.03 -9.43
CA GLY A 132 -3.46 30.15 -8.39
C GLY A 132 -3.59 29.07 -7.33
N GLY A 133 -2.71 28.08 -7.34
CA GLY A 133 -2.78 27.03 -6.33
C GLY A 133 -1.72 27.30 -5.29
N ALA A 134 -1.76 26.59 -4.17
CA ALA A 134 -0.75 26.79 -3.13
C ALA A 134 -0.55 25.56 -2.28
N SER A 135 0.56 24.86 -2.50
CA SER A 135 0.87 23.66 -1.75
C SER A 135 2.12 23.89 -0.94
N VAL A 136 2.07 23.49 0.32
CA VAL A 136 3.21 23.62 1.21
C VAL A 136 3.62 22.19 1.52
N VAL A 137 4.79 21.80 1.02
CA VAL A 137 5.33 20.46 1.21
C VAL A 137 6.30 20.35 2.37
N CYS A 138 6.23 19.23 3.05
CA CYS A 138 7.10 18.98 4.19
C CYS A 138 7.53 17.52 4.17
N PHE A 139 8.83 17.30 4.22
CA PHE A 139 9.36 15.95 4.23
C PHE A 139 9.86 15.59 5.62
N LEU A 140 9.64 14.34 5.99
CA LEU A 140 10.12 13.82 7.27
C LEU A 140 10.78 12.55 6.78
N ASN A 141 12.07 12.65 6.49
CA ASN A 141 12.82 11.52 5.94
C ASN A 141 13.76 10.73 6.83
N ASN A 142 13.93 9.47 6.43
CA ASN A 142 14.80 8.51 7.07
C ASN A 142 14.78 8.44 8.60
N PHE A 143 13.60 8.18 9.14
CA PHE A 143 13.43 8.04 10.59
C PHE A 143 13.05 6.59 10.93
N TYR A 144 13.31 6.20 12.17
CA TYR A 144 12.99 4.87 12.66
C TYR A 144 12.71 4.96 14.14
N PRO A 145 11.66 4.30 14.61
CA PRO A 145 10.71 3.47 13.87
C PRO A 145 9.67 4.22 13.02
N LYS A 146 8.87 3.44 12.28
CA LYS A 146 7.84 3.94 11.37
C LYS A 146 6.80 4.88 11.96
N ASP A 147 6.54 4.78 13.26
CA ASP A 147 5.54 5.61 13.91
C ASP A 147 5.92 7.09 13.94
N ILE A 148 5.00 7.93 13.48
CA ILE A 148 5.25 9.36 13.49
C ILE A 148 3.95 10.11 13.24
N ASN A 149 3.95 11.39 13.59
CA ASN A 149 2.78 12.25 13.40
C ASN A 149 3.22 13.65 13.00
N VAL A 150 2.44 14.25 12.11
CA VAL A 150 2.72 15.59 11.63
C VAL A 150 1.55 16.50 11.98
N LYS A 151 1.87 17.74 12.31
CA LYS A 151 0.86 18.74 12.64
C LYS A 151 1.22 20.02 11.87
N TRP A 152 0.22 20.64 11.25
CA TRP A 152 0.47 21.88 10.53
C TRP A 152 -0.09 23.04 11.31
N LYS A 153 0.66 24.14 11.32
CA LYS A 153 0.23 25.35 12.01
C LYS A 153 0.31 26.52 11.05
N ILE A 154 -0.82 27.21 10.87
CA ILE A 154 -0.91 28.37 10.00
C ILE A 154 -1.06 29.54 10.96
N ASP A 155 0.00 30.33 11.12
CA ASP A 155 -0.03 31.43 12.07
C ASP A 155 -0.35 30.82 13.42
N GLY A 156 0.54 29.97 13.90
CA GLY A 156 0.40 29.33 15.20
C GLY A 156 -0.90 28.58 15.44
N SER A 157 -1.74 28.45 14.42
CA SER A 157 -2.99 27.75 14.59
C SER A 157 -3.00 26.42 13.82
N GLU A 158 -3.30 25.35 14.54
CA GLU A 158 -3.32 24.03 13.94
C GLU A 158 -4.29 23.96 12.79
N ARG A 159 -3.90 23.25 11.75
CA ARG A 159 -4.72 23.09 10.58
C ARG A 159 -4.68 21.62 10.23
N GLN A 160 -5.83 21.03 9.96
CA GLN A 160 -5.82 19.62 9.61
C GLN A 160 -6.66 19.28 8.38
N ASN A 161 -7.37 20.27 7.86
CA ASN A 161 -8.17 20.05 6.66
C ASN A 161 -7.30 20.47 5.48
N GLY A 162 -7.32 19.68 4.43
CA GLY A 162 -6.52 20.00 3.25
C GLY A 162 -5.12 19.41 3.27
N VAL A 163 -4.85 18.58 4.27
CA VAL A 163 -3.55 17.93 4.43
C VAL A 163 -3.55 16.53 3.82
N LEU A 164 -2.55 16.25 2.98
CA LEU A 164 -2.42 14.94 2.35
C LEU A 164 -1.12 14.26 2.81
N ASN A 165 -1.23 13.02 3.26
CA ASN A 165 -0.09 12.28 3.74
C ASN A 165 0.23 11.03 2.94
N SER A 166 1.51 10.67 2.92
CA SER A 166 1.98 9.50 2.21
C SER A 166 3.28 9.02 2.87
N TRP A 167 3.44 7.70 2.92
CA TRP A 167 4.60 7.07 3.55
C TRP A 167 5.26 6.07 2.61
N THR A 168 6.58 6.01 2.67
CA THR A 168 7.30 5.06 1.84
C THR A 168 7.31 3.73 2.58
N ASP A 169 7.75 2.68 1.89
CA ASP A 169 7.85 1.39 2.52
C ASP A 169 9.27 1.38 3.07
N GLN A 170 9.56 0.48 3.99
CA GLN A 170 10.90 0.46 4.56
C GLN A 170 11.96 0.56 3.47
N ASP A 171 12.95 1.40 3.70
CA ASP A 171 14.03 1.61 2.74
C ASP A 171 14.94 0.40 2.66
N SER A 172 14.99 -0.19 1.48
CA SER A 172 15.82 -1.36 1.24
C SER A 172 17.31 -1.12 1.46
N LYS A 173 17.69 0.13 1.76
CA LYS A 173 19.10 0.48 1.96
C LYS A 173 19.51 0.82 3.41
N ASP A 174 18.74 1.63 4.12
CA ASP A 174 19.10 1.92 5.51
C ASP A 174 18.00 1.53 6.47
N SER A 175 17.00 0.83 5.94
CA SER A 175 15.87 0.35 6.71
C SER A 175 15.06 1.43 7.39
N THR A 176 15.16 2.66 6.91
CA THR A 176 14.39 3.74 7.50
C THR A 176 13.06 3.88 6.80
N TYR A 177 12.28 4.85 7.26
CA TYR A 177 10.99 5.15 6.68
C TYR A 177 11.02 6.64 6.42
N SER A 178 10.17 7.08 5.49
CA SER A 178 10.07 8.48 5.17
C SER A 178 8.60 8.84 4.97
N MET A 179 8.24 10.08 5.25
CA MET A 179 6.86 10.51 5.06
C MET A 179 6.82 11.82 4.29
N SER A 180 5.72 12.04 3.57
CA SER A 180 5.54 13.28 2.83
C SER A 180 4.19 13.88 3.19
N SER A 181 4.20 15.12 3.67
CA SER A 181 2.96 15.81 4.04
C SER A 181 2.77 17.08 3.22
N THR A 182 1.63 17.15 2.53
CA THR A 182 1.32 18.31 1.70
C THR A 182 0.03 19.01 2.11
N LEU A 183 0.16 20.27 2.53
CA LEU A 183 -1.01 21.08 2.91
C LEU A 183 -1.37 21.85 1.65
N THR A 184 -2.60 21.70 1.18
CA THR A 184 -2.96 22.42 -0.02
C THR A 184 -4.10 23.42 0.22
N LEU A 185 -3.84 24.68 -0.15
CA LEU A 185 -4.79 25.77 0.00
C LEU A 185 -4.93 26.51 -1.34
N THR A 186 -5.77 27.54 -1.33
CA THR A 186 -5.95 28.37 -2.52
C THR A 186 -4.90 29.46 -2.39
N LYS A 187 -4.49 30.06 -3.50
CA LYS A 187 -3.50 31.10 -3.42
C LYS A 187 -3.96 32.20 -2.47
N ASP A 188 -5.23 32.58 -2.57
CA ASP A 188 -5.76 33.64 -1.72
C ASP A 188 -5.65 33.34 -0.23
N GLU A 189 -6.05 32.14 0.20
CA GLU A 189 -5.96 31.83 1.61
C GLU A 189 -4.50 31.76 2.03
N TYR A 190 -3.65 31.24 1.14
CA TYR A 190 -2.24 31.14 1.45
C TYR A 190 -1.61 32.54 1.62
N GLU A 191 -2.01 33.49 0.80
CA GLU A 191 -1.48 34.85 0.88
C GLU A 191 -2.08 35.68 2.00
N ARG A 192 -3.05 35.10 2.72
CA ARG A 192 -3.68 35.79 3.84
C ARG A 192 -2.98 35.45 5.16
N HIS A 193 -1.96 34.60 5.09
CA HIS A 193 -1.27 34.19 6.30
C HIS A 193 0.23 34.26 6.12
N ASN A 194 0.94 34.49 7.22
CA ASN A 194 2.38 34.65 7.16
C ASN A 194 3.22 33.46 7.62
N SER A 195 2.87 32.91 8.77
CA SER A 195 3.65 31.81 9.32
C SER A 195 3.15 30.42 8.96
N TYR A 196 4.04 29.61 8.41
CA TYR A 196 3.70 28.24 8.03
C TYR A 196 4.62 27.29 8.77
N THR A 197 4.01 26.36 9.49
CA THR A 197 4.79 25.46 10.30
C THR A 197 4.42 24.00 10.18
N CYS A 198 5.47 23.20 10.06
CA CYS A 198 5.39 21.75 9.95
C CYS A 198 6.13 21.28 11.19
N GLU A 199 5.58 20.33 11.92
CA GLU A 199 6.26 19.82 13.11
C GLU A 199 6.03 18.37 13.35
N ALA A 200 7.14 17.64 13.40
CA ALA A 200 7.12 16.20 13.57
C ALA A 200 7.29 15.74 15.01
N THR A 201 6.52 14.72 15.38
CA THR A 201 6.60 14.14 16.71
C THR A 201 7.06 12.71 16.51
N HIS A 202 8.24 12.39 17.01
CA HIS A 202 8.81 11.05 16.89
C HIS A 202 9.41 10.65 18.25
N LYS A 203 9.38 9.37 18.56
CA LYS A 203 9.92 8.88 19.84
C LYS A 203 11.34 9.35 20.11
N THR A 204 12.11 9.57 19.04
CA THR A 204 13.49 10.01 19.19
C THR A 204 13.64 11.39 19.80
N SER A 205 12.53 11.97 20.25
CA SER A 205 12.60 13.29 20.87
C SER A 205 11.39 13.59 21.72
N THR A 206 11.65 14.13 22.90
CA THR A 206 10.58 14.48 23.84
C THR A 206 9.93 15.75 23.33
N SER A 207 10.67 16.49 22.53
CA SER A 207 10.19 17.73 21.96
C SER A 207 10.06 17.60 20.44
N PRO A 208 8.96 18.12 19.88
CA PRO A 208 8.74 18.03 18.44
C PRO A 208 9.76 18.77 17.57
N ILE A 209 10.03 18.22 16.40
CA ILE A 209 10.94 18.84 15.46
C ILE A 209 10.10 19.87 14.74
N VAL A 210 10.55 21.12 14.71
CA VAL A 210 9.77 22.18 14.06
C VAL A 210 10.48 22.85 12.89
N LYS A 211 9.85 22.85 11.72
CA LYS A 211 10.40 23.50 10.54
C LYS A 211 9.38 24.52 10.09
N SER A 212 9.86 25.69 9.68
CA SER A 212 8.92 26.70 9.25
C SER A 212 9.55 27.83 8.46
N PHE A 213 8.67 28.70 7.99
CA PHE A 213 9.06 29.86 7.22
C PHE A 213 7.92 30.88 7.28
N ASN A 214 8.24 32.12 6.93
CA ASN A 214 7.25 33.18 6.90
C ASN A 214 7.19 33.63 5.46
N ARG A 215 5.98 33.69 4.93
CA ARG A 215 5.77 34.09 3.55
C ARG A 215 6.52 35.35 3.12
N ASN A 216 6.55 36.37 3.98
CA ASN A 216 7.22 37.62 3.63
C ASN A 216 8.72 37.50 3.34
N GLU A 217 9.43 36.84 4.25
CA GLU A 217 10.87 36.64 4.14
C GLU A 217 11.37 35.93 2.88
N CYS A 218 12.35 36.54 2.21
CA CYS A 218 12.95 35.96 1.00
C CYS A 218 14.36 36.47 0.77
N GLU B 1 0.60 -28.33 -14.26
CA GLU B 1 0.43 -27.42 -13.08
C GLU B 1 -0.94 -26.76 -13.03
N VAL B 2 -1.43 -26.55 -11.82
CA VAL B 2 -2.71 -25.88 -11.65
C VAL B 2 -2.45 -24.43 -12.03
N GLN B 3 -3.33 -23.86 -12.82
CA GLN B 3 -3.15 -22.48 -13.24
C GLN B 3 -4.45 -21.70 -13.21
N LEU B 4 -4.33 -20.43 -12.85
CA LEU B 4 -5.46 -19.52 -12.77
C LEU B 4 -5.04 -18.19 -13.39
N GLN B 5 -5.62 -17.89 -14.54
CA GLN B 5 -5.35 -16.66 -15.28
C GLN B 5 -6.58 -15.78 -15.16
N GLN B 6 -6.40 -14.54 -14.70
CA GLN B 6 -7.50 -13.62 -14.51
C GLN B 6 -7.56 -12.53 -15.57
N SER B 7 -8.76 -12.05 -15.86
CA SER B 7 -8.97 -10.99 -16.85
C SER B 7 -8.12 -9.79 -16.46
N GLY B 8 -7.83 -8.93 -17.43
CA GLY B 8 -6.99 -7.77 -17.19
C GLY B 8 -7.58 -6.57 -16.48
N THR B 9 -6.70 -5.62 -16.18
CA THR B 9 -7.04 -4.38 -15.50
C THR B 9 -8.32 -3.76 -16.06
N VAL B 10 -9.08 -3.12 -15.19
CA VAL B 10 -10.35 -2.52 -15.59
C VAL B 10 -10.56 -1.15 -14.98
N LEU B 11 -11.10 -0.23 -15.77
CA LEU B 11 -11.42 1.09 -15.26
C LEU B 11 -12.93 1.18 -15.44
N ALA B 12 -13.64 1.57 -14.39
CA ALA B 12 -15.09 1.67 -14.46
C ALA B 12 -15.61 2.87 -13.70
N ARG B 13 -16.79 3.33 -14.11
CA ARG B 13 -17.42 4.50 -13.49
C ARG B 13 -18.29 4.11 -12.32
N PRO B 14 -18.49 5.03 -11.37
CA PRO B 14 -19.34 4.64 -10.25
C PRO B 14 -20.71 4.20 -10.81
N GLY B 15 -21.42 3.37 -10.05
CA GLY B 15 -22.74 2.92 -10.48
C GLY B 15 -22.79 1.87 -11.56
N ALA B 16 -21.70 1.74 -12.31
CA ALA B 16 -21.66 0.75 -13.37
C ALA B 16 -21.32 -0.62 -12.81
N SER B 17 -21.18 -1.60 -13.70
CA SER B 17 -20.84 -2.96 -13.33
C SER B 17 -19.61 -3.41 -14.09
N VAL B 18 -18.92 -4.41 -13.58
CA VAL B 18 -17.75 -4.98 -14.24
C VAL B 18 -17.77 -6.47 -13.98
N LYS B 19 -17.23 -7.24 -14.92
CA LYS B 19 -17.20 -8.69 -14.78
C LYS B 19 -15.80 -9.17 -15.14
N MET B 20 -15.15 -9.81 -14.18
CA MET B 20 -13.81 -10.32 -14.37
C MET B 20 -13.87 -11.84 -14.38
N SER B 21 -12.88 -12.47 -15.00
CA SER B 21 -12.87 -13.93 -15.10
C SER B 21 -11.64 -14.59 -14.49
N CYS B 22 -11.82 -15.84 -14.09
CA CYS B 22 -10.74 -16.63 -13.51
C CYS B 22 -10.74 -17.93 -14.28
N LYS B 23 -9.83 -18.05 -15.23
CA LYS B 23 -9.75 -19.23 -16.07
C LYS B 23 -8.85 -20.31 -15.48
N ALA B 24 -9.44 -21.48 -15.24
CA ALA B 24 -8.73 -22.59 -14.64
C ALA B 24 -8.23 -23.67 -15.62
N SER B 25 -7.06 -24.20 -15.33
CA SER B 25 -6.44 -25.25 -16.12
C SER B 25 -5.56 -26.07 -15.17
N GLY B 26 -5.33 -27.33 -15.50
CA GLY B 26 -4.49 -28.16 -14.66
C GLY B 26 -5.19 -28.98 -13.60
N TYR B 27 -6.51 -28.93 -13.53
CA TYR B 27 -7.23 -29.71 -12.53
C TYR B 27 -8.71 -29.82 -12.86
N THR B 28 -9.41 -30.69 -12.14
CA THR B 28 -10.84 -30.92 -12.36
C THR B 28 -11.73 -29.80 -11.80
N PHE B 29 -11.78 -28.72 -12.57
CA PHE B 29 -12.55 -27.51 -12.31
C PHE B 29 -13.85 -27.68 -11.54
N THR B 30 -14.61 -28.73 -11.85
CA THR B 30 -15.89 -28.96 -11.19
C THR B 30 -15.79 -29.62 -9.83
N ASN B 31 -14.60 -30.04 -9.43
CA ASN B 31 -14.43 -30.70 -8.15
C ASN B 31 -13.96 -29.82 -7.00
N TYR B 32 -13.62 -28.56 -7.29
CA TYR B 32 -13.17 -27.68 -6.22
C TYR B 32 -13.87 -26.33 -6.17
N TRP B 33 -13.98 -25.81 -4.95
CA TRP B 33 -14.59 -24.52 -4.73
C TRP B 33 -13.63 -23.42 -5.17
N MET B 34 -14.17 -22.39 -5.82
CA MET B 34 -13.35 -21.28 -6.26
C MET B 34 -13.64 -20.12 -5.31
N HIS B 35 -12.59 -19.56 -4.73
CA HIS B 35 -12.78 -18.46 -3.79
C HIS B 35 -12.38 -17.10 -4.37
N TRP B 36 -12.92 -16.04 -3.81
CA TRP B 36 -12.58 -14.70 -4.28
C TRP B 36 -12.21 -13.79 -3.13
N ILE B 37 -11.03 -13.21 -3.22
CA ILE B 37 -10.50 -12.33 -2.19
C ILE B 37 -10.29 -10.91 -2.72
N LYS B 38 -10.73 -9.93 -1.94
CA LYS B 38 -10.61 -8.52 -2.30
C LYS B 38 -9.50 -7.85 -1.50
N GLN B 39 -8.76 -6.96 -2.16
CA GLN B 39 -7.70 -6.23 -1.48
C GLN B 39 -7.66 -4.81 -1.96
N ARG B 40 -7.89 -3.89 -1.02
CA ARG B 40 -7.86 -2.47 -1.32
C ARG B 40 -6.43 -1.97 -1.13
N PRO B 41 -6.02 -0.96 -1.92
CA PRO B 41 -4.68 -0.39 -1.84
C PRO B 41 -4.19 -0.28 -0.40
N GLY B 42 -3.08 -0.95 -0.12
CA GLY B 42 -2.50 -0.90 1.21
C GLY B 42 -3.28 -1.62 2.31
N GLN B 43 -4.50 -2.05 2.00
CA GLN B 43 -5.33 -2.77 2.98
C GLN B 43 -5.08 -4.28 3.04
N GLY B 44 -5.81 -4.97 3.92
CA GLY B 44 -5.67 -6.41 4.09
C GLY B 44 -6.57 -7.25 3.21
N LEU B 45 -6.27 -8.54 3.10
CA LEU B 45 -7.06 -9.46 2.30
C LEU B 45 -8.44 -9.60 2.93
N GLU B 46 -9.46 -9.75 2.08
CA GLU B 46 -10.82 -9.82 2.58
C GLU B 46 -11.63 -10.83 1.79
N TRP B 47 -12.14 -11.86 2.47
CA TRP B 47 -12.91 -12.89 1.81
C TRP B 47 -14.24 -12.38 1.28
N ILE B 48 -14.47 -12.58 -0.01
CA ILE B 48 -15.68 -12.14 -0.70
C ILE B 48 -16.73 -13.24 -0.72
N GLY B 49 -16.36 -14.37 -1.32
CA GLY B 49 -17.26 -15.50 -1.42
C GLY B 49 -16.66 -16.66 -2.18
N THR B 50 -17.45 -17.70 -2.40
CA THR B 50 -16.99 -18.89 -3.11
C THR B 50 -18.14 -19.55 -3.87
N ILE B 51 -17.79 -20.28 -4.92
CA ILE B 51 -18.78 -20.99 -5.71
C ILE B 51 -18.22 -22.36 -6.04
N TYR B 52 -19.10 -23.36 -5.99
CA TYR B 52 -18.72 -24.72 -6.33
C TYR B 52 -19.22 -24.92 -7.75
N PRO B 53 -18.31 -24.97 -8.73
CA PRO B 53 -18.67 -25.15 -10.15
C PRO B 53 -19.52 -26.37 -10.46
N GLY B 54 -19.43 -27.39 -9.61
CA GLY B 54 -20.20 -28.61 -9.81
C GLY B 54 -21.72 -28.47 -9.78
N ASN B 55 -22.22 -27.51 -9.00
CA ASN B 55 -23.67 -27.31 -8.93
C ASN B 55 -24.07 -25.85 -8.75
N SER B 56 -23.10 -24.95 -8.97
CA SER B 56 -23.34 -23.53 -8.86
C SER B 56 -23.71 -23.05 -7.46
N ASP B 57 -23.52 -23.89 -6.46
CA ASP B 57 -23.81 -23.47 -5.11
C ASP B 57 -22.83 -22.36 -4.79
N THR B 58 -23.31 -21.33 -4.10
CA THR B 58 -22.45 -20.24 -3.71
C THR B 58 -22.69 -19.88 -2.27
N THR B 59 -21.69 -19.24 -1.66
CA THR B 59 -21.76 -18.78 -0.28
C THR B 59 -21.03 -17.46 -0.28
N TYR B 60 -21.70 -16.41 0.20
CA TYR B 60 -21.07 -15.10 0.23
C TYR B 60 -20.90 -14.57 1.63
N SER B 61 -19.91 -13.70 1.77
CA SER B 61 -19.65 -13.01 3.02
C SER B 61 -20.85 -12.05 3.12
N GLN B 62 -21.35 -11.83 4.32
CA GLN B 62 -22.50 -10.95 4.49
C GLN B 62 -22.23 -9.56 3.91
N LYS B 63 -20.99 -9.10 4.02
CA LYS B 63 -20.60 -7.80 3.53
C LYS B 63 -20.68 -7.62 2.01
N PHE B 64 -20.65 -8.71 1.26
CA PHE B 64 -20.66 -8.65 -0.20
C PHE B 64 -21.91 -9.14 -0.92
N LYS B 65 -22.89 -9.64 -0.17
CA LYS B 65 -24.12 -10.09 -0.81
C LYS B 65 -24.71 -8.88 -1.47
N GLY B 66 -25.11 -9.00 -2.72
CA GLY B 66 -25.68 -7.84 -3.41
C GLY B 66 -24.63 -7.00 -4.12
N LYS B 67 -23.37 -7.24 -3.80
CA LYS B 67 -22.29 -6.51 -4.44
C LYS B 67 -21.60 -7.43 -5.44
N ALA B 68 -21.23 -8.63 -4.98
CA ALA B 68 -20.54 -9.61 -5.82
C ALA B 68 -21.44 -10.74 -6.31
N LYS B 69 -21.41 -10.98 -7.62
CA LYS B 69 -22.21 -12.04 -8.21
C LYS B 69 -21.26 -13.08 -8.83
N LEU B 70 -21.26 -14.27 -8.26
CA LEU B 70 -20.40 -15.37 -8.71
C LEU B 70 -21.08 -16.39 -9.62
N THR B 71 -20.49 -16.59 -10.80
CA THR B 71 -20.99 -17.55 -11.77
C THR B 71 -19.82 -18.44 -12.20
N ALA B 72 -20.12 -19.54 -12.85
CA ALA B 72 -19.07 -20.46 -13.30
C ALA B 72 -19.46 -21.21 -14.58
N VAL B 73 -18.56 -21.23 -15.55
CA VAL B 73 -18.82 -21.93 -16.80
C VAL B 73 -18.00 -23.23 -16.90
N THR B 74 -18.66 -24.35 -16.66
CA THR B 74 -18.02 -25.68 -16.72
C THR B 74 -17.28 -25.89 -18.02
N SER B 75 -18.01 -25.74 -19.12
CA SER B 75 -17.47 -25.92 -20.46
C SER B 75 -16.09 -25.32 -20.68
N THR B 76 -15.84 -24.16 -20.08
CA THR B 76 -14.58 -23.46 -20.24
C THR B 76 -13.75 -23.30 -18.96
N SER B 77 -14.09 -24.07 -17.93
CA SER B 77 -13.39 -24.00 -16.65
C SER B 77 -13.02 -22.55 -16.31
N THR B 78 -14.02 -21.67 -16.37
CA THR B 78 -13.82 -20.26 -16.07
C THR B 78 -14.81 -19.81 -15.00
N ALA B 79 -14.32 -19.11 -13.98
CA ALA B 79 -15.17 -18.60 -12.92
C ALA B 79 -15.35 -17.10 -13.13
N TYR B 80 -16.49 -16.58 -12.73
CA TYR B 80 -16.76 -15.16 -12.93
C TYR B 80 -17.27 -14.44 -11.71
N MET B 81 -16.87 -13.17 -11.58
CA MET B 81 -17.37 -12.36 -10.49
C MET B 81 -17.84 -11.06 -11.11
N GLU B 82 -19.07 -10.67 -10.77
CA GLU B 82 -19.64 -9.43 -11.27
C GLU B 82 -19.99 -8.51 -10.11
N LEU B 83 -19.47 -7.29 -10.16
CA LEU B 83 -19.71 -6.30 -9.11
C LEU B 83 -20.72 -5.25 -9.61
N SER B 84 -21.68 -4.91 -8.75
CA SER B 84 -22.72 -3.94 -9.10
C SER B 84 -22.52 -2.62 -8.37
N SER B 85 -23.33 -1.62 -8.73
CA SER B 85 -23.29 -0.29 -8.12
C SER B 85 -21.89 0.12 -7.65
N LEU B 86 -20.94 0.10 -8.56
CA LEU B 86 -19.56 0.44 -8.21
C LEU B 86 -19.45 1.78 -7.52
N THR B 87 -18.54 1.82 -6.54
CA THR B 87 -18.26 3.01 -5.79
C THR B 87 -16.74 3.09 -5.70
N ASN B 88 -16.22 4.11 -5.03
CA ASN B 88 -14.79 4.25 -4.91
C ASN B 88 -14.23 3.13 -4.04
N GLU B 89 -15.02 2.69 -3.07
CA GLU B 89 -14.59 1.63 -2.17
C GLU B 89 -14.46 0.26 -2.83
N ASP B 90 -14.91 0.12 -4.07
CA ASP B 90 -14.79 -1.16 -4.74
C ASP B 90 -13.45 -1.23 -5.48
N SER B 91 -12.77 -0.10 -5.57
CA SER B 91 -11.47 -0.04 -6.24
C SER B 91 -10.56 -0.97 -5.45
N ALA B 92 -9.93 -1.90 -6.15
CA ALA B 92 -9.06 -2.84 -5.48
C ALA B 92 -8.56 -3.90 -6.42
N VAL B 93 -7.71 -4.77 -5.89
CA VAL B 93 -7.22 -5.88 -6.67
C VAL B 93 -8.09 -7.05 -6.21
N TYR B 94 -8.54 -7.86 -7.16
CA TYR B 94 -9.37 -8.99 -6.82
C TYR B 94 -8.71 -10.27 -7.25
N TYR B 95 -8.51 -11.16 -6.28
CA TYR B 95 -7.88 -12.45 -6.51
C TYR B 95 -8.89 -13.57 -6.53
N CYS B 96 -8.58 -14.64 -7.27
CA CYS B 96 -9.43 -15.82 -7.28
C CYS B 96 -8.47 -16.93 -6.90
N SER B 97 -8.95 -17.91 -6.15
CA SER B 97 -8.10 -19.02 -5.81
C SER B 97 -8.90 -20.26 -5.54
N ARG B 98 -8.28 -21.39 -5.85
CA ARG B 98 -8.89 -22.68 -5.69
C ARG B 98 -8.55 -23.27 -4.33
N ARG B 99 -9.57 -23.69 -3.60
CA ARG B 99 -9.32 -24.29 -2.30
C ARG B 99 -9.24 -25.79 -2.50
N ASN B 100 -8.07 -26.33 -2.22
CA ASN B 100 -7.86 -27.76 -2.35
C ASN B 100 -8.28 -28.44 -1.05
N TYR B 101 -8.45 -29.75 -1.10
CA TYR B 101 -8.77 -30.55 0.06
C TYR B 101 -8.13 -31.85 -0.35
N GLY B 102 -7.68 -32.66 0.58
CA GLY B 102 -7.01 -33.89 0.18
C GLY B 102 -5.52 -33.79 0.45
N SER B 103 -4.72 -33.51 -0.57
CA SER B 103 -3.28 -33.42 -0.37
C SER B 103 -2.97 -32.23 0.55
N SER B 104 -3.91 -31.27 0.59
CA SER B 104 -3.80 -30.10 1.45
C SER B 104 -5.19 -29.47 1.56
N TYR B 105 -5.45 -28.75 2.64
CA TYR B 105 -6.74 -28.14 2.83
C TYR B 105 -6.57 -26.61 2.99
N ALA B 106 -6.55 -25.92 1.86
CA ALA B 106 -6.37 -24.48 1.84
C ALA B 106 -6.39 -23.96 0.40
N MET B 107 -6.23 -22.64 0.25
CA MET B 107 -6.20 -22.03 -1.07
C MET B 107 -4.74 -22.12 -1.52
N ASP B 108 -4.41 -23.22 -2.18
CA ASP B 108 -3.04 -23.47 -2.63
C ASP B 108 -2.61 -22.74 -3.90
N TYR B 109 -3.55 -22.47 -4.80
CA TYR B 109 -3.25 -21.76 -6.04
C TYR B 109 -4.11 -20.49 -6.14
N TRP B 110 -3.46 -19.38 -6.45
CA TRP B 110 -4.10 -18.08 -6.58
C TRP B 110 -3.89 -17.49 -7.98
N GLY B 111 -4.86 -16.73 -8.47
CA GLY B 111 -4.71 -16.11 -9.77
C GLY B 111 -3.73 -14.96 -9.59
N GLN B 112 -3.41 -14.23 -10.65
CA GLN B 112 -2.46 -13.13 -10.51
C GLN B 112 -3.19 -11.88 -10.02
N GLY B 113 -4.52 -11.91 -10.06
CA GLY B 113 -5.33 -10.80 -9.62
C GLY B 113 -5.78 -9.86 -10.72
N THR B 114 -6.93 -9.22 -10.50
CA THR B 114 -7.47 -8.25 -11.45
C THR B 114 -7.63 -6.90 -10.76
N SER B 115 -6.88 -5.91 -11.23
CA SER B 115 -6.95 -4.57 -10.63
C SER B 115 -8.11 -3.77 -11.19
N VAL B 116 -9.02 -3.39 -10.31
CA VAL B 116 -10.19 -2.63 -10.70
C VAL B 116 -10.14 -1.26 -10.06
N THR B 117 -10.33 -0.24 -10.89
CA THR B 117 -10.34 1.13 -10.41
C THR B 117 -11.71 1.73 -10.75
N VAL B 118 -12.32 2.35 -9.76
CA VAL B 118 -13.63 2.98 -9.97
C VAL B 118 -13.42 4.48 -9.85
N SER B 119 -13.63 5.22 -10.94
CA SER B 119 -13.43 6.67 -10.94
C SER B 119 -14.18 7.38 -12.05
N SER B 120 -14.55 8.63 -11.79
CA SER B 120 -15.27 9.41 -12.80
C SER B 120 -14.34 10.43 -13.44
N ALA B 121 -13.06 10.36 -13.07
CA ALA B 121 -12.05 11.25 -13.62
C ALA B 121 -11.71 10.85 -15.05
N LYS B 122 -11.23 11.80 -15.83
CA LYS B 122 -10.82 11.54 -17.20
C LYS B 122 -9.33 11.82 -17.22
N THR B 123 -8.59 11.21 -18.15
CA THR B 123 -7.16 11.44 -18.19
C THR B 123 -6.83 12.90 -17.95
N THR B 124 -5.93 13.16 -17.02
CA THR B 124 -5.53 14.52 -16.74
C THR B 124 -4.02 14.54 -16.55
N PRO B 125 -3.33 15.43 -17.24
CA PRO B 125 -1.88 15.48 -17.09
C PRO B 125 -1.51 16.11 -15.74
N PRO B 126 -0.30 15.82 -15.24
CA PRO B 126 0.13 16.38 -13.96
C PRO B 126 0.79 17.73 -14.09
N SER B 127 0.68 18.52 -13.03
CA SER B 127 1.34 19.81 -12.96
C SER B 127 2.58 19.49 -12.12
N VAL B 128 3.76 19.91 -12.57
CA VAL B 128 4.98 19.61 -11.82
C VAL B 128 5.60 20.87 -11.26
N TYR B 129 5.87 20.88 -9.96
CA TYR B 129 6.46 22.04 -9.33
C TYR B 129 7.75 21.69 -8.65
N PRO B 130 8.73 22.60 -8.69
CA PRO B 130 10.04 22.38 -8.07
C PRO B 130 10.01 22.79 -6.60
N LEU B 131 10.61 21.98 -5.74
CA LEU B 131 10.68 22.26 -4.31
C LEU B 131 12.14 22.60 -4.03
N ALA B 132 12.41 23.87 -3.76
CA ALA B 132 13.78 24.30 -3.50
C ALA B 132 13.89 25.05 -2.17
N PRO B 133 15.01 24.88 -1.45
CA PRO B 133 15.27 25.53 -0.17
C PRO B 133 15.13 27.06 -0.22
N GLY B 134 14.22 27.58 0.61
CA GLY B 134 13.93 29.01 0.68
C GLY B 134 15.02 29.99 1.07
N SER B 135 15.74 29.72 2.15
CA SER B 135 16.81 30.61 2.58
C SER B 135 18.16 29.92 2.37
N ALA B 136 19.23 30.71 2.30
CA ALA B 136 20.56 30.13 2.12
C ALA B 136 20.91 29.39 3.42
N ASN B 140 23.56 23.93 4.62
CA ASN B 140 24.54 23.27 5.54
C ASN B 140 25.45 22.29 4.77
N SER B 141 25.49 21.03 5.24
CA SER B 141 26.31 20.00 4.61
C SER B 141 25.52 19.19 3.59
N MET B 142 24.30 18.79 3.96
CA MET B 142 23.43 18.03 3.07
C MET B 142 22.21 18.89 2.71
N VAL B 143 21.75 18.80 1.47
CA VAL B 143 20.59 19.58 1.02
C VAL B 143 19.49 18.70 0.44
N THR B 144 18.24 19.00 0.81
CA THR B 144 17.10 18.24 0.31
C THR B 144 16.34 19.06 -0.72
N LEU B 145 16.08 18.46 -1.87
CA LEU B 145 15.34 19.10 -2.94
C LEU B 145 14.19 18.18 -3.29
N GLY B 146 13.32 18.60 -4.20
CA GLY B 146 12.21 17.74 -4.58
C GLY B 146 11.33 18.28 -5.67
N CYS B 147 10.30 17.51 -6.01
CA CYS B 147 9.32 17.93 -7.01
C CYS B 147 7.95 17.49 -6.55
N LEU B 148 6.95 18.30 -6.88
CA LEU B 148 5.57 17.98 -6.53
C LEU B 148 4.86 17.73 -7.86
N VAL B 149 4.26 16.55 -7.96
CA VAL B 149 3.52 16.10 -9.14
C VAL B 149 2.07 16.15 -8.69
N LYS B 150 1.34 17.16 -9.14
CA LYS B 150 -0.04 17.34 -8.69
C LYS B 150 -1.19 17.31 -9.69
N GLY B 151 -2.29 16.71 -9.23
CA GLY B 151 -3.52 16.63 -10.00
C GLY B 151 -3.55 15.84 -11.28
N TYR B 152 -3.05 14.61 -11.27
CA TYR B 152 -3.08 13.82 -12.50
C TYR B 152 -3.99 12.60 -12.38
N PHE B 153 -4.30 12.02 -13.53
CA PHE B 153 -5.10 10.82 -13.59
C PHE B 153 -4.95 10.22 -14.98
N PRO B 154 -4.78 8.89 -15.04
CA PRO B 154 -4.71 8.00 -13.90
C PRO B 154 -3.27 7.61 -13.61
N GLU B 155 -3.11 6.65 -12.71
CA GLU B 155 -1.82 6.11 -12.32
C GLU B 155 -1.32 5.29 -13.50
N PRO B 156 -0.01 5.10 -13.62
CA PRO B 156 1.02 5.60 -12.71
C PRO B 156 1.79 6.77 -13.29
N VAL B 157 2.79 7.20 -12.55
CA VAL B 157 3.66 8.29 -12.93
C VAL B 157 5.06 7.85 -12.54
N THR B 158 6.03 8.14 -13.39
CA THR B 158 7.40 7.75 -13.05
C THR B 158 8.21 9.01 -12.79
N VAL B 159 8.95 8.99 -11.69
CA VAL B 159 9.79 10.10 -11.31
C VAL B 159 11.24 9.65 -11.19
N THR B 160 12.13 10.33 -11.89
CA THR B 160 13.55 10.03 -11.80
C THR B 160 14.24 11.36 -11.54
N TRP B 161 15.50 11.28 -11.15
CA TRP B 161 16.29 12.47 -10.91
C TRP B 161 17.51 12.33 -11.78
N ASN B 162 17.80 13.39 -12.53
CA ASN B 162 18.90 13.39 -13.46
C ASN B 162 18.82 12.13 -14.32
N SER B 163 17.65 11.96 -14.94
CA SER B 163 17.37 10.84 -15.83
C SER B 163 17.59 9.46 -15.20
N GLY B 164 17.74 9.42 -13.88
CA GLY B 164 17.93 8.15 -13.21
C GLY B 164 19.34 7.96 -12.71
N SER B 165 20.29 8.79 -13.16
CA SER B 165 21.67 8.65 -12.74
C SER B 165 21.81 8.97 -11.26
N LEU B 166 20.90 9.81 -10.75
CA LEU B 166 20.89 10.18 -9.35
C LEU B 166 19.87 9.24 -8.72
N SER B 167 20.36 8.19 -8.08
CA SER B 167 19.47 7.18 -7.50
C SER B 167 19.35 7.12 -5.98
N SER B 168 20.46 7.21 -5.26
CA SER B 168 20.37 7.14 -3.81
C SER B 168 20.06 8.49 -3.17
N GLY B 169 19.41 8.45 -2.01
CA GLY B 169 19.02 9.66 -1.32
C GLY B 169 17.67 10.12 -1.84
N VAL B 170 17.09 9.31 -2.72
CA VAL B 170 15.80 9.60 -3.32
C VAL B 170 14.60 8.90 -2.69
N HIS B 171 13.56 9.68 -2.43
CA HIS B 171 12.33 9.15 -1.88
C HIS B 171 11.16 9.56 -2.74
N THR B 172 10.63 8.64 -3.53
CA THR B 172 9.45 8.98 -4.31
C THR B 172 8.29 8.34 -3.57
N PHE B 173 7.39 9.21 -3.11
CA PHE B 173 6.24 8.81 -2.34
C PHE B 173 5.01 8.27 -3.09
N PRO B 174 4.28 7.36 -2.45
CA PRO B 174 3.08 6.77 -3.04
C PRO B 174 2.10 7.91 -3.29
N ALA B 175 1.35 7.83 -4.38
CA ALA B 175 0.42 8.89 -4.71
C ALA B 175 -0.78 8.83 -3.76
N VAL B 176 -1.46 9.97 -3.62
CA VAL B 176 -2.65 10.06 -2.78
C VAL B 176 -3.80 10.54 -3.64
N LEU B 177 -4.96 9.91 -3.45
CA LEU B 177 -6.17 10.24 -4.20
C LEU B 177 -6.95 11.29 -3.45
N GLN B 178 -7.12 12.45 -4.07
CA GLN B 178 -7.84 13.56 -3.45
C GLN B 178 -8.81 14.10 -4.51
N SER B 179 -10.11 13.93 -4.27
CA SER B 179 -11.13 14.39 -5.18
C SER B 179 -10.89 13.95 -6.62
N ASP B 180 -10.81 12.62 -6.79
CA ASP B 180 -10.62 11.96 -8.08
C ASP B 180 -9.27 12.10 -8.76
N LEU B 181 -8.42 12.98 -8.27
CA LEU B 181 -7.12 13.15 -8.88
C LEU B 181 -6.00 12.74 -7.93
N TYR B 182 -4.86 12.40 -8.53
CA TYR B 182 -3.69 11.96 -7.76
C TYR B 182 -2.63 13.02 -7.61
N THR B 183 -1.94 12.96 -6.48
CA THR B 183 -0.85 13.89 -6.18
C THR B 183 0.28 13.09 -5.53
N LEU B 184 1.52 13.41 -5.87
CA LEU B 184 2.64 12.72 -5.25
C LEU B 184 3.84 13.64 -5.25
N SER B 185 4.87 13.24 -4.51
CA SER B 185 6.09 14.01 -4.42
C SER B 185 7.29 13.10 -4.41
N SER B 186 8.45 13.71 -4.61
CA SER B 186 9.72 13.02 -4.63
C SER B 186 10.76 13.96 -4.09
N SER B 187 11.50 13.52 -3.09
CA SER B 187 12.56 14.34 -2.53
C SER B 187 13.87 13.67 -2.93
N VAL B 188 14.96 14.42 -2.82
CA VAL B 188 16.29 13.91 -3.13
C VAL B 188 17.26 14.73 -2.29
N THR B 189 18.08 14.08 -1.48
CA THR B 189 19.03 14.80 -0.67
C THR B 189 20.46 14.59 -1.22
N VAL B 190 21.18 15.69 -1.41
CA VAL B 190 22.53 15.62 -1.95
C VAL B 190 23.52 16.50 -1.17
N PRO B 191 24.83 16.25 -1.35
CA PRO B 191 25.88 17.03 -0.67
C PRO B 191 25.78 18.51 -1.11
N SER B 192 25.74 19.41 -0.14
CA SER B 192 25.62 20.83 -0.45
C SER B 192 26.71 21.39 -1.34
N SER B 193 27.78 20.63 -1.55
CA SER B 193 28.89 21.08 -2.39
C SER B 193 28.61 20.65 -3.83
N THR B 194 27.49 19.94 -4.01
CA THR B 194 27.07 19.44 -5.31
C THR B 194 25.97 20.33 -5.90
N TRP B 195 25.23 21.00 -5.03
CA TRP B 195 24.15 21.88 -5.45
C TRP B 195 24.28 23.23 -4.75
N PRO B 196 24.08 24.33 -5.50
CA PRO B 196 23.73 24.31 -6.92
C PRO B 196 24.88 24.35 -7.93
N SER B 197 26.07 23.88 -7.56
CA SER B 197 27.18 23.90 -8.51
C SER B 197 26.91 22.89 -9.63
N GLU B 198 26.34 21.75 -9.28
CA GLU B 198 26.00 20.72 -10.26
C GLU B 198 24.49 20.73 -10.45
N THR B 199 24.02 20.30 -11.60
CA THR B 199 22.60 20.28 -11.91
C THR B 199 21.80 19.13 -11.26
N VAL B 200 20.58 19.44 -10.85
CA VAL B 200 19.68 18.46 -10.26
C VAL B 200 18.31 18.63 -10.89
N THR B 201 17.90 17.63 -11.65
CA THR B 201 16.62 17.71 -12.32
C THR B 201 15.73 16.49 -12.07
N CYS B 202 14.45 16.75 -11.84
CA CYS B 202 13.51 15.66 -11.65
C CYS B 202 12.82 15.48 -13.00
N ASN B 203 12.58 14.24 -13.38
CA ASN B 203 11.95 13.95 -14.65
C ASN B 203 10.68 13.14 -14.39
N VAL B 204 9.54 13.81 -14.53
CA VAL B 204 8.26 13.18 -14.30
C VAL B 204 7.69 12.79 -15.63
N ALA B 205 7.19 11.56 -15.72
CA ALA B 205 6.59 11.10 -16.95
C ALA B 205 5.21 10.61 -16.63
N HIS B 206 4.26 10.86 -17.52
CA HIS B 206 2.90 10.41 -17.33
C HIS B 206 2.42 9.81 -18.65
N PRO B 207 2.63 8.49 -18.83
CA PRO B 207 2.24 7.76 -20.05
C PRO B 207 0.80 8.01 -20.52
N ALA B 208 -0.16 7.69 -19.66
CA ALA B 208 -1.58 7.88 -19.97
C ALA B 208 -1.90 9.18 -20.68
N SER B 209 -1.37 10.29 -20.18
CA SER B 209 -1.60 11.60 -20.79
C SER B 209 -0.50 11.99 -21.76
N SER B 210 0.31 11.02 -22.17
CA SER B 210 1.39 11.28 -23.13
C SER B 210 2.18 12.54 -22.78
N THR B 211 2.49 12.68 -21.50
CA THR B 211 3.21 13.86 -21.02
C THR B 211 4.49 13.52 -20.26
N LYS B 212 5.50 14.36 -20.45
CA LYS B 212 6.79 14.19 -19.79
C LYS B 212 7.22 15.60 -19.43
N VAL B 213 7.62 15.81 -18.18
CA VAL B 213 8.05 17.13 -17.72
C VAL B 213 9.36 17.12 -16.96
N ASP B 214 10.20 18.10 -17.23
CA ASP B 214 11.46 18.20 -16.52
C ASP B 214 11.58 19.54 -15.82
N LYS B 215 11.94 19.49 -14.54
CA LYS B 215 12.15 20.71 -13.75
C LYS B 215 13.55 20.65 -13.16
N LYS B 216 14.36 21.65 -13.47
CA LYS B 216 15.71 21.73 -12.95
C LYS B 216 15.57 22.54 -11.66
N ILE B 217 16.05 22.01 -10.55
CA ILE B 217 15.96 22.73 -9.28
C ILE B 217 17.02 23.80 -9.23
N VAL B 218 16.59 25.03 -8.91
CA VAL B 218 17.46 26.19 -8.83
C VAL B 218 17.14 26.94 -7.54
N PRO B 219 18.18 27.46 -6.85
CA PRO B 219 17.98 28.20 -5.58
C PRO B 219 16.82 29.17 -5.71
N ARG B 220 16.26 29.61 -4.60
CA ARG B 220 15.13 30.54 -4.64
C ARG B 220 15.52 32.00 -4.47
N ASP B 221 16.58 32.43 -5.18
CA ASP B 221 17.05 33.81 -5.11
C ASP B 221 15.90 34.80 -5.27
#